data_5EX8
#
_entry.id   5EX8
#
_cell.length_a   110.050
_cell.length_b   110.050
_cell.length_c   93.650
_cell.angle_alpha   90.00
_cell.angle_beta   90.00
_cell.angle_gamma   120.00
#
_symmetry.space_group_name_H-M   'P 31 2 1'
#
loop_
_entity.id
_entity.type
_entity.pdbx_description
1 polymer 'Cytochrome P450'
2 non-polymer 'PROTOPORPHYRIN IX CONTAINING FE'
3 non-polymer 1,2-ETHANEDIOL
4 water water
#
_entity_poly.entity_id   1
_entity_poly.type   'polypeptide(L)'
_entity_poly.pdbx_seq_one_letter_code
;MHHHHHHGKPIPNPLLGLDSTENLYFQGIDPFTMFEEINVVRASQLHRRDRFDPVPELHSLMKEGGLTVLGTEDSTEGRT
AWLATGIDEVRQVLGSDKFSARLLYGGTAAGITWPGFLTQYDPPEHTRLRRMVVPAFSHRRMQKFRPRVEQIVQDSLDTI
ESLGGPVDFVPHFGWAIATPATCDFLGIPRDDQADLARILLASRTDRSDKRRTAAGNKFMTYMKQHVAQSRRGSGDDLFG
IVGRENGDAITDAELTGVAAFVMGAAADQVARLLAAGAWLMVEQPAQFALLREKPETVPEWLDETMRYLTTDEKTHPRVA
TQDVRIGNQLVKAGDTVTCSLLAANRPNYPSAEDEFDITREKAEHLAFGHGIHHCLGRAMAELMFKVSIPALAHRFPTLR
LADPQREITLGPPPFDVEALLLDW
;
_entity_poly.pdbx_strand_id   A
#
loop_
_chem_comp.id
_chem_comp.type
_chem_comp.name
_chem_comp.formula
EDO non-polymer 1,2-ETHANEDIOL 'C2 H6 O2'
HEM non-polymer 'PROTOPORPHYRIN IX CONTAINING FE' 'C34 H32 Fe N4 O4'
#
# COMPACT_ATOMS: atom_id res chain seq x y z
N ILE A 11 -6.78 -12.27 30.57
CA ILE A 11 -8.19 -12.76 30.71
C ILE A 11 -9.16 -11.60 30.53
N PRO A 12 -9.92 -11.60 29.41
CA PRO A 12 -11.00 -10.61 29.25
C PRO A 12 -12.16 -10.90 30.20
N ASN A 13 -12.92 -9.86 30.54
CA ASN A 13 -14.11 -10.01 31.39
C ASN A 13 -15.41 -9.71 30.61
N PRO A 14 -16.03 -10.77 30.03
CA PRO A 14 -17.20 -10.62 29.14
C PRO A 14 -18.48 -10.27 29.89
N LEU A 15 -18.39 -10.13 31.21
CA LEU A 15 -19.50 -9.66 32.01
C LEU A 15 -19.66 -8.15 31.84
N LEU A 16 -18.56 -7.50 31.45
CA LEU A 16 -18.50 -6.05 31.49
C LEU A 16 -18.58 -5.38 30.12
N GLY A 17 -18.10 -6.05 29.08
CA GLY A 17 -17.98 -5.44 27.76
C GLY A 17 -18.52 -6.30 26.63
N LEU A 18 -18.69 -5.67 25.47
CA LEU A 18 -19.39 -6.28 24.34
C LEU A 18 -18.49 -6.57 23.12
N ASP A 19 -17.25 -6.12 23.15
CA ASP A 19 -16.40 -6.28 21.98
C ASP A 19 -15.90 -7.71 21.75
N SER A 20 -16.41 -8.33 20.68
CA SER A 20 -16.09 -9.70 20.30
C SER A 20 -14.59 -9.97 20.20
N THR A 21 -13.88 -9.07 19.52
CA THR A 21 -12.44 -9.21 19.32
C THR A 21 -11.69 -9.20 20.66
N GLU A 22 -12.11 -8.28 21.54
CA GLU A 22 -11.50 -8.13 22.85
CA GLU A 22 -11.51 -8.12 22.86
C GLU A 22 -11.84 -9.30 23.76
N ASN A 23 -13.03 -9.87 23.58
CA ASN A 23 -13.56 -10.90 24.48
C ASN A 23 -13.12 -12.33 24.21
N LEU A 24 -12.52 -12.57 23.05
CA LEU A 24 -12.09 -13.92 22.69
C LEU A 24 -11.24 -14.53 23.79
N TYR A 25 -11.70 -15.67 24.30
CA TYR A 25 -10.97 -16.44 25.27
C TYR A 25 -11.35 -17.91 25.20
N PHE A 26 -10.35 -18.77 25.32
CA PHE A 26 -10.54 -20.21 25.51
C PHE A 26 -9.31 -20.74 26.26
N GLN A 27 -9.49 -21.80 27.04
CA GLN A 27 -8.38 -22.41 27.76
C GLN A 27 -7.25 -22.78 26.79
N GLY A 28 -6.05 -22.26 27.06
CA GLY A 28 -4.88 -22.51 26.23
C GLY A 28 -4.60 -21.46 25.16
N ILE A 29 -5.34 -20.35 25.20
CA ILE A 29 -5.11 -19.23 24.27
C ILE A 29 -3.75 -18.58 24.59
N ASP A 30 -3.03 -18.15 23.55
CA ASP A 30 -1.78 -17.44 23.77
C ASP A 30 -2.06 -15.97 24.05
N PRO A 31 -1.68 -15.50 25.26
CA PRO A 31 -1.93 -14.11 25.65
C PRO A 31 -1.17 -13.11 24.79
N PHE A 32 0.07 -13.42 24.43
CA PHE A 32 0.88 -12.52 23.60
C PHE A 32 0.30 -12.40 22.18
N THR A 33 -0.06 -13.53 21.58
CA THR A 33 -0.74 -13.53 20.29
C THR A 33 -1.97 -12.62 20.33
N MET A 34 -2.72 -12.68 21.42
CA MET A 34 -3.92 -11.86 21.59
C MET A 34 -3.63 -10.36 21.70
N PHE A 35 -2.59 -10.01 22.45
CA PHE A 35 -2.14 -8.62 22.54
C PHE A 35 -1.80 -8.03 21.17
N GLU A 36 -0.99 -8.75 20.41
CA GLU A 36 -0.58 -8.33 19.07
C GLU A 36 -1.78 -8.19 18.14
N GLU A 37 -2.66 -9.19 18.16
CA GLU A 37 -3.80 -9.19 17.24
C GLU A 37 -4.84 -8.11 17.54
N ILE A 38 -5.16 -7.87 18.81
CA ILE A 38 -6.12 -6.80 19.09
C ILE A 38 -5.56 -5.41 18.75
N ASN A 39 -4.27 -5.20 18.95
CA ASN A 39 -3.64 -3.94 18.56
C ASN A 39 -3.61 -3.72 17.04
N VAL A 40 -3.39 -4.79 16.29
CA VAL A 40 -3.52 -4.76 14.82
C VAL A 40 -4.97 -4.38 14.42
N VAL A 41 -5.95 -4.98 15.09
CA VAL A 41 -7.35 -4.66 14.85
C VAL A 41 -7.65 -3.19 15.20
N ARG A 42 -7.14 -2.73 16.34
CA ARG A 42 -7.34 -1.33 16.72
C ARG A 42 -6.74 -0.37 15.70
N ALA A 43 -5.50 -0.64 15.29
CA ALA A 43 -4.83 0.19 14.28
C ALA A 43 -5.63 0.19 12.99
N SER A 44 -6.21 -0.96 12.66
CA SER A 44 -6.99 -1.07 11.43
C SER A 44 -8.31 -0.29 11.49
N GLN A 45 -9.03 -0.43 12.60
CA GLN A 45 -10.26 0.33 12.82
C GLN A 45 -10.03 1.84 12.68
N LEU A 46 -8.90 2.31 13.22
CA LEU A 46 -8.53 3.73 13.19
C LEU A 46 -8.21 4.24 11.79
N HIS A 47 -7.98 3.31 10.85
CA HIS A 47 -7.60 3.69 9.49
C HIS A 47 -8.59 3.25 8.43
N ARG A 48 -9.83 3.04 8.85
CA ARG A 48 -10.96 3.06 7.94
C ARG A 48 -11.16 4.51 7.52
N ARG A 49 -12.05 4.72 6.56
CA ARG A 49 -12.25 6.04 5.99
C ARG A 49 -13.71 6.43 6.02
N ASP A 50 -13.93 7.74 6.09
CA ASP A 50 -15.25 8.33 6.02
C ASP A 50 -15.19 9.07 4.71
N ARG A 51 -15.68 8.42 3.66
CA ARG A 51 -15.43 8.81 2.28
C ARG A 51 -13.91 8.95 2.06
N PHE A 52 -13.42 10.15 1.75
CA PHE A 52 -11.97 10.37 1.61
C PHE A 52 -11.28 10.77 2.92
N ASP A 53 -12.05 10.87 4.00
CA ASP A 53 -11.55 11.49 5.23
C ASP A 53 -11.15 10.49 6.33
N PRO A 54 -10.30 10.93 7.29
CA PRO A 54 -10.09 10.10 8.47
C PRO A 54 -11.40 9.92 9.22
N VAL A 55 -11.55 8.82 9.95
CA VAL A 55 -12.78 8.59 10.73
C VAL A 55 -12.68 9.41 12.02
N PRO A 56 -13.83 9.72 12.66
CA PRO A 56 -13.78 10.57 13.86
C PRO A 56 -12.83 10.08 14.96
N GLU A 57 -12.70 8.77 15.14
CA GLU A 57 -11.82 8.22 16.18
C GLU A 57 -10.36 8.60 15.95
N LEU A 58 -9.92 8.58 14.69
CA LEU A 58 -8.55 8.99 14.39
C LEU A 58 -8.37 10.50 14.58
N HIS A 59 -9.36 11.27 14.11
CA HIS A 59 -9.37 12.72 14.29
C HIS A 59 -9.25 13.11 15.76
N SER A 60 -9.97 12.40 16.62
CA SER A 60 -9.92 12.62 18.06
C SER A 60 -8.56 12.26 18.61
N LEU A 61 -8.01 11.15 18.15
CA LEU A 61 -6.73 10.65 18.64
C LEU A 61 -5.62 11.62 18.27
N MET A 62 -5.73 12.20 17.08
CA MET A 62 -4.74 13.16 16.59
C MET A 62 -4.61 14.38 17.51
N LYS A 63 -5.73 14.79 18.10
CA LYS A 63 -5.79 15.94 18.98
C LYS A 63 -5.08 15.68 20.32
N GLU A 64 -4.89 14.42 20.66
CA GLU A 64 -4.31 14.03 21.94
C GLU A 64 -2.81 14.35 22.02
N GLY A 65 -2.16 14.44 20.87
CA GLY A 65 -0.71 14.56 20.80
C GLY A 65 -0.18 13.74 19.65
N GLY A 66 1.12 13.87 19.38
CA GLY A 66 1.74 13.22 18.23
C GLY A 66 1.99 11.73 18.37
N LEU A 67 1.89 11.21 19.59
CA LEU A 67 2.14 9.80 19.87
C LEU A 67 1.24 9.36 21.00
N THR A 68 0.39 8.36 20.74
CA THR A 68 -0.55 7.87 21.75
C THR A 68 -0.46 6.37 21.90
N VAL A 69 -1.00 5.88 23.01
CA VAL A 69 -1.04 4.46 23.33
C VAL A 69 -2.21 3.80 22.58
N LEU A 70 -1.87 2.92 21.65
CA LEU A 70 -2.87 2.04 21.04
C LEU A 70 -3.32 1.00 22.05
N GLY A 71 -2.35 0.42 22.76
CA GLY A 71 -2.61 -0.66 23.68
C GLY A 71 -1.41 -1.05 24.49
N THR A 72 -1.65 -1.82 25.54
CA THR A 72 -0.62 -2.15 26.51
C THR A 72 -0.77 -3.62 26.93
N GLU A 73 0.33 -4.24 27.38
CA GLU A 73 0.28 -5.63 27.80
C GLU A 73 -0.13 -5.70 29.27
N ASP A 74 -0.78 -6.79 29.67
CA ASP A 74 -1.32 -6.94 31.03
C ASP A 74 -0.24 -6.96 32.13
N SER A 75 0.99 -7.26 31.70
CA SER A 75 2.14 -7.46 32.58
C SER A 75 2.62 -6.17 33.26
N THR A 76 3.20 -6.33 34.46
CA THR A 76 4.08 -5.30 35.02
C THR A 76 5.30 -5.27 34.09
N GLU A 77 5.65 -4.08 33.61
CA GLU A 77 6.77 -3.91 32.67
C GLU A 77 6.57 -4.76 31.42
N GLY A 78 5.37 -4.69 30.86
CA GLY A 78 5.05 -5.35 29.61
C GLY A 78 5.11 -4.36 28.47
N ARG A 79 4.86 -4.84 27.26
CA ARG A 79 5.03 -4.04 26.05
C ARG A 79 3.88 -3.06 25.82
N THR A 80 4.21 -1.92 25.21
CA THR A 80 3.23 -0.95 24.77
C THR A 80 3.26 -0.82 23.24
N ALA A 81 2.08 -0.78 22.64
CA ALA A 81 1.93 -0.45 21.22
C ALA A 81 1.48 1.01 21.08
N TRP A 82 2.25 1.77 20.30
CA TRP A 82 2.03 3.19 20.11
C TRP A 82 1.60 3.47 18.68
N LEU A 83 0.82 4.54 18.51
CA LEU A 83 0.51 5.11 17.21
C LEU A 83 1.11 6.50 17.11
N ALA A 84 1.91 6.73 16.07
CA ALA A 84 2.46 8.05 15.78
C ALA A 84 1.59 8.73 14.73
N THR A 85 1.12 9.94 15.02
CA THR A 85 0.20 10.67 14.14
C THR A 85 0.77 12.02 13.74
N GLY A 86 1.65 12.57 14.58
CA GLY A 86 2.32 13.83 14.27
C GLY A 86 3.35 13.64 13.18
N ILE A 87 3.42 14.57 12.25
CA ILE A 87 4.45 14.55 11.21
C ILE A 87 5.86 14.39 11.79
N ASP A 88 6.18 15.17 12.82
CA ASP A 88 7.48 15.12 13.46
C ASP A 88 7.76 13.74 14.05
N GLU A 89 6.78 13.17 14.74
CA GLU A 89 6.93 11.86 15.37
C GLU A 89 7.07 10.74 14.33
N VAL A 90 6.31 10.83 13.26
CA VAL A 90 6.30 9.82 12.20
C VAL A 90 7.65 9.79 11.50
N ARG A 91 8.15 10.97 11.11
CA ARG A 91 9.46 11.06 10.46
CA ARG A 91 9.46 11.06 10.46
C ARG A 91 10.57 10.59 11.40
N GLN A 92 10.45 10.94 12.68
CA GLN A 92 11.46 10.55 13.67
C GLN A 92 11.50 9.03 13.83
N VAL A 93 10.33 8.42 14.00
CA VAL A 93 10.25 6.95 14.10
C VAL A 93 10.80 6.28 12.85
N LEU A 94 10.31 6.68 11.67
CA LEU A 94 10.63 6.00 10.42
C LEU A 94 12.08 6.21 9.97
N GLY A 95 12.69 7.30 10.41
CA GLY A 95 14.08 7.61 10.07
C GLY A 95 15.11 7.10 11.08
N SER A 96 14.64 6.57 12.20
CA SER A 96 15.53 6.17 13.30
C SER A 96 16.11 4.76 13.16
N ASP A 97 17.38 4.62 13.57
CA ASP A 97 18.05 3.31 13.52
CA ASP A 97 18.09 3.33 13.53
C ASP A 97 17.84 2.52 14.80
N LYS A 98 16.99 3.07 15.68
CA LYS A 98 16.68 2.45 16.97
C LYS A 98 15.39 1.63 16.90
N PHE A 99 14.84 1.50 15.69
CA PHE A 99 13.68 0.66 15.46
C PHE A 99 14.02 -0.47 14.47
N SER A 100 13.51 -1.65 14.76
CA SER A 100 13.69 -2.79 13.89
C SER A 100 12.38 -3.13 13.21
N ALA A 101 12.48 -3.58 11.96
CA ALA A 101 11.35 -4.14 11.27
C ALA A 101 11.36 -5.64 11.50
N ARG A 102 12.54 -6.27 11.34
CA ARG A 102 12.71 -7.73 11.45
C ARG A 102 12.30 -8.33 12.79
N LEU A 103 12.54 -7.58 13.88
CA LEU A 103 12.21 -8.05 15.24
C LEU A 103 10.71 -8.13 15.48
N LEU A 104 9.93 -7.62 14.53
CA LEU A 104 8.48 -7.78 14.57
C LEU A 104 8.07 -9.24 14.31
N TYR A 105 8.91 -9.97 13.56
CA TYR A 105 8.58 -11.32 13.08
C TYR A 105 9.34 -12.45 13.81
N GLY A 106 10.08 -12.08 14.85
CA GLY A 106 10.93 -13.03 15.59
C GLY A 106 12.14 -12.38 16.23
N GLY A 107 12.83 -13.11 17.09
CA GLY A 107 14.00 -12.59 17.79
C GLY A 107 15.25 -12.48 16.93
N THR A 108 16.36 -12.13 17.56
CA THR A 108 17.67 -12.03 16.91
C THR A 108 18.02 -13.29 16.12
N ALA A 109 17.97 -14.44 16.80
CA ALA A 109 18.41 -15.72 16.25
C ALA A 109 17.47 -16.31 15.18
N ALA A 110 16.34 -15.65 14.94
CA ALA A 110 15.37 -16.09 13.93
C ALA A 110 15.80 -15.69 12.52
N GLY A 111 15.72 -16.64 11.58
CA GLY A 111 16.06 -16.39 10.18
C GLY A 111 14.98 -15.61 9.46
N ILE A 112 15.22 -15.31 8.19
CA ILE A 112 14.23 -14.62 7.37
C ILE A 112 13.07 -15.57 7.07
N THR A 113 11.84 -15.07 7.22
CA THR A 113 10.65 -15.89 7.04
C THR A 113 10.24 -15.91 5.57
N TRP A 114 10.16 -14.73 4.96
CA TRP A 114 9.80 -14.59 3.55
C TRP A 114 10.95 -13.92 2.79
N PRO A 115 11.84 -14.73 2.17
CA PRO A 115 12.93 -14.16 1.37
C PRO A 115 12.40 -13.14 0.36
N GLY A 116 13.07 -12.01 0.23
CA GLY A 116 12.65 -10.99 -0.73
C GLY A 116 11.54 -10.05 -0.27
N PHE A 117 11.02 -10.28 0.94
CA PHE A 117 10.04 -9.38 1.53
C PHE A 117 10.83 -8.31 2.30
N LEU A 118 11.26 -7.28 1.56
CA LEU A 118 12.13 -6.21 2.11
C LEU A 118 11.66 -5.59 3.42
N THR A 119 10.34 -5.44 3.54
CA THR A 119 9.68 -4.95 4.74
C THR A 119 10.15 -5.65 6.01
N GLN A 120 10.56 -6.91 5.86
CA GLN A 120 10.96 -7.77 6.98
C GLN A 120 12.45 -7.73 7.30
N TYR A 121 13.25 -7.01 6.51
CA TYR A 121 14.71 -7.02 6.73
C TYR A 121 15.24 -5.79 7.50
N ASP A 122 16.24 -5.99 8.33
CA ASP A 122 17.01 -4.90 8.92
C ASP A 122 18.36 -4.79 8.23
N PRO A 123 19.00 -3.60 8.30
CA PRO A 123 20.41 -3.45 7.91
C PRO A 123 21.27 -4.44 8.70
N PRO A 124 22.40 -4.91 8.14
CA PRO A 124 22.94 -4.63 6.80
C PRO A 124 22.31 -5.40 5.64
N GLU A 125 21.62 -6.50 5.92
CA GLU A 125 21.06 -7.32 4.83
C GLU A 125 19.91 -6.63 4.09
N HIS A 126 19.13 -5.80 4.79
CA HIS A 126 18.13 -4.97 4.11
C HIS A 126 18.80 -4.10 3.05
N THR A 127 19.88 -3.42 3.46
CA THR A 127 20.64 -2.52 2.60
C THR A 127 21.16 -3.22 1.34
N ARG A 128 21.80 -4.37 1.50
CA ARG A 128 22.36 -5.12 0.39
C ARG A 128 21.29 -5.60 -0.59
N LEU A 129 20.22 -6.21 -0.07
CA LEU A 129 19.17 -6.75 -0.92
C LEU A 129 18.45 -5.64 -1.69
N ARG A 130 18.14 -4.54 -1.01
CA ARG A 130 17.51 -3.41 -1.68
C ARG A 130 18.39 -2.82 -2.78
N ARG A 131 19.67 -2.62 -2.48
CA ARG A 131 20.61 -2.10 -3.48
C ARG A 131 20.72 -3.03 -4.68
N MET A 132 20.61 -4.33 -4.45
CA MET A 132 20.64 -5.30 -5.56
C MET A 132 19.44 -5.16 -6.51
N VAL A 133 18.27 -4.81 -5.96
CA VAL A 133 17.05 -4.77 -6.77
C VAL A 133 16.64 -3.38 -7.27
N VAL A 134 17.15 -2.34 -6.62
CA VAL A 134 16.91 -0.94 -6.97
C VAL A 134 17.04 -0.57 -8.46
N PRO A 135 18.09 -1.04 -9.18
CA PRO A 135 18.20 -0.60 -10.58
C PRO A 135 16.97 -0.89 -11.44
N ALA A 136 16.21 -1.95 -11.11
CA ALA A 136 15.04 -2.31 -11.91
C ALA A 136 13.85 -1.35 -11.69
N PHE A 137 13.90 -0.61 -10.59
CA PHE A 137 12.78 0.27 -10.18
C PHE A 137 13.07 1.75 -10.39
N SER A 138 14.24 2.05 -10.95
CA SER A 138 14.72 3.43 -11.14
C SER A 138 13.84 4.30 -12.02
N HIS A 139 14.03 5.61 -11.89
CA HIS A 139 13.33 6.58 -12.73
CA HIS A 139 13.37 6.62 -12.74
C HIS A 139 13.69 6.39 -14.22
N ARG A 140 14.96 6.14 -14.51
CA ARG A 140 15.38 5.84 -15.87
C ARG A 140 14.62 4.63 -16.41
N ARG A 141 14.59 3.56 -15.63
CA ARG A 141 13.87 2.36 -16.01
C ARG A 141 12.38 2.61 -16.21
N MET A 142 11.80 3.49 -15.39
CA MET A 142 10.38 3.85 -15.54
C MET A 142 10.12 4.68 -16.81
N GLN A 143 11.07 5.52 -17.20
CA GLN A 143 11.00 6.24 -18.48
C GLN A 143 10.90 5.25 -19.65
N LYS A 144 11.69 4.19 -19.59
CA LYS A 144 11.69 3.13 -20.61
C LYS A 144 10.38 2.35 -20.62
N PHE A 145 9.80 2.16 -19.43
CA PHE A 145 8.56 1.41 -19.25
C PHE A 145 7.31 2.22 -19.63
N ARG A 146 7.45 3.54 -19.71
CA ARG A 146 6.31 4.43 -19.96
C ARG A 146 5.48 4.16 -21.24
N PRO A 147 6.13 3.94 -22.41
CA PRO A 147 5.29 3.66 -23.59
C PRO A 147 4.40 2.42 -23.43
N ARG A 148 4.92 1.35 -22.80
CA ARG A 148 4.09 0.19 -22.50
C ARG A 148 2.90 0.54 -21.59
N VAL A 149 3.16 1.32 -20.53
CA VAL A 149 2.09 1.75 -19.64
C VAL A 149 1.03 2.56 -20.39
N GLU A 150 1.46 3.48 -21.25
CA GLU A 150 0.54 4.27 -22.06
C GLU A 150 -0.36 3.38 -22.92
N GLN A 151 0.21 2.31 -23.47
CA GLN A 151 -0.55 1.37 -24.28
C GLN A 151 -1.57 0.61 -23.42
N ILE A 152 -1.13 0.13 -22.26
CA ILE A 152 -2.00 -0.56 -21.30
C ILE A 152 -3.21 0.31 -20.93
N VAL A 153 -2.95 1.58 -20.66
CA VAL A 153 -4.00 2.53 -20.29
C VAL A 153 -4.98 2.80 -21.45
N GLN A 154 -4.47 3.08 -22.64
CA GLN A 154 -5.34 3.30 -23.81
C GLN A 154 -6.22 2.06 -24.10
N ASP A 155 -5.64 0.87 -24.02
CA ASP A 155 -6.38 -0.39 -24.17
C ASP A 155 -7.50 -0.54 -23.12
N SER A 156 -7.23 -0.15 -21.88
CA SER A 156 -8.25 -0.23 -20.84
C SER A 156 -9.40 0.74 -21.13
N LEU A 157 -9.05 1.95 -21.53
CA LEU A 157 -10.04 2.95 -21.90
C LEU A 157 -10.87 2.53 -23.13
N ASP A 158 -10.24 1.88 -24.10
CA ASP A 158 -10.96 1.37 -25.28
C ASP A 158 -12.01 0.33 -24.89
N THR A 159 -11.61 -0.59 -24.01
CA THR A 159 -12.49 -1.62 -23.48
C THR A 159 -13.69 -1.02 -22.75
N ILE A 160 -13.44 -0.03 -21.89
CA ILE A 160 -14.48 0.67 -21.13
C ILE A 160 -15.51 1.32 -22.07
N GLU A 161 -15.00 2.09 -23.03
CA GLU A 161 -15.82 2.82 -24.00
C GLU A 161 -16.61 1.86 -24.88
N SER A 162 -15.98 0.78 -25.30
CA SER A 162 -16.61 -0.24 -26.12
C SER A 162 -17.81 -0.91 -25.39
N LEU A 163 -17.69 -1.08 -24.08
CA LEU A 163 -18.74 -1.76 -23.32
C LEU A 163 -20.00 -0.92 -23.17
N GLY A 164 -19.81 0.36 -22.92
CA GLY A 164 -20.92 1.26 -22.63
C GLY A 164 -21.18 1.36 -21.13
N GLY A 165 -21.53 2.56 -20.68
CA GLY A 165 -21.80 2.80 -19.28
C GLY A 165 -23.12 2.18 -18.85
N PRO A 166 -23.25 1.85 -17.56
CA PRO A 166 -22.20 2.06 -16.57
C PRO A 166 -21.14 0.96 -16.55
N VAL A 167 -19.94 1.31 -16.13
CA VAL A 167 -18.83 0.37 -16.01
C VAL A 167 -18.29 0.43 -14.59
N ASP A 168 -17.95 -0.74 -14.04
CA ASP A 168 -17.27 -0.83 -12.74
C ASP A 168 -15.77 -0.58 -12.95
N PHE A 169 -15.30 0.58 -12.48
CA PHE A 169 -13.91 0.97 -12.66
C PHE A 169 -12.93 0.21 -11.76
N VAL A 170 -13.41 -0.53 -10.78
CA VAL A 170 -12.49 -1.35 -10.01
C VAL A 170 -11.88 -2.43 -10.92
N PRO A 171 -12.71 -3.30 -11.56
CA PRO A 171 -12.07 -4.28 -12.45
C PRO A 171 -11.54 -3.67 -13.73
N HIS A 172 -12.29 -2.75 -14.33
CA HIS A 172 -11.99 -2.25 -15.67
C HIS A 172 -11.02 -1.10 -15.76
N PHE A 173 -10.65 -0.53 -14.61
CA PHE A 173 -9.65 0.52 -14.56
C PHE A 173 -8.51 0.14 -13.62
N GLY A 174 -8.77 -0.02 -12.33
CA GLY A 174 -7.73 -0.37 -11.37
C GLY A 174 -6.98 -1.65 -11.75
N TRP A 175 -7.71 -2.75 -11.83
CA TRP A 175 -7.10 -4.06 -12.10
C TRP A 175 -6.68 -4.26 -13.55
N ALA A 176 -7.42 -3.65 -14.48
CA ALA A 176 -7.10 -3.75 -15.90
C ALA A 176 -5.78 -3.05 -16.25
N ILE A 177 -5.37 -2.07 -15.44
CA ILE A 177 -4.07 -1.45 -15.57
C ILE A 177 -3.01 -2.19 -14.72
N ALA A 178 -3.29 -2.37 -13.44
CA ALA A 178 -2.35 -2.97 -12.50
C ALA A 178 -1.84 -4.36 -12.90
N THR A 179 -2.75 -5.22 -13.37
CA THR A 179 -2.38 -6.59 -13.74
C THR A 179 -1.35 -6.65 -14.89
N PRO A 180 -1.69 -6.14 -16.09
CA PRO A 180 -0.68 -6.18 -17.15
C PRO A 180 0.59 -5.35 -16.85
N ALA A 181 0.47 -4.24 -16.14
CA ALA A 181 1.64 -3.42 -15.81
C ALA A 181 2.62 -4.22 -14.95
N THR A 182 2.11 -4.82 -13.88
CA THR A 182 2.99 -5.56 -12.98
C THR A 182 3.55 -6.80 -13.68
N CYS A 183 2.70 -7.49 -14.44
CA CYS A 183 3.13 -8.68 -15.17
C CYS A 183 4.21 -8.35 -16.22
N ASP A 184 3.99 -7.27 -16.96
CA ASP A 184 4.93 -6.88 -18.01
C ASP A 184 6.29 -6.49 -17.42
N PHE A 185 6.26 -5.85 -16.26
CA PHE A 185 7.46 -5.49 -15.51
C PHE A 185 8.28 -6.73 -15.15
N LEU A 186 7.59 -7.85 -14.93
CA LEU A 186 8.24 -9.10 -14.60
C LEU A 186 8.45 -10.03 -15.81
N GLY A 187 8.21 -9.51 -17.01
CA GLY A 187 8.34 -10.29 -18.23
C GLY A 187 7.41 -11.48 -18.36
N ILE A 188 6.25 -11.43 -17.70
CA ILE A 188 5.28 -12.53 -17.75
C ILE A 188 4.59 -12.55 -19.11
N PRO A 189 4.66 -13.70 -19.83
CA PRO A 189 4.01 -13.78 -21.13
C PRO A 189 2.53 -13.42 -21.02
N ARG A 190 2.02 -12.73 -22.04
CA ARG A 190 0.63 -12.32 -22.11
C ARG A 190 -0.35 -13.48 -21.91
N ASP A 191 -0.01 -14.64 -22.45
CA ASP A 191 -0.85 -15.84 -22.39
C ASP A 191 -1.08 -16.37 -20.97
N ASP A 192 -0.15 -16.07 -20.06
CA ASP A 192 -0.17 -16.54 -18.68
C ASP A 192 -0.91 -15.60 -17.71
N GLN A 193 -1.07 -14.34 -18.13
CA GLN A 193 -1.48 -13.27 -17.21
C GLN A 193 -2.87 -13.42 -16.59
N ALA A 194 -3.88 -13.70 -17.41
CA ALA A 194 -5.25 -13.86 -16.89
C ALA A 194 -5.34 -15.00 -15.85
N ASP A 195 -4.68 -16.12 -16.12
CA ASP A 195 -4.71 -17.25 -15.21
CA ASP A 195 -4.69 -17.27 -15.22
C ASP A 195 -4.00 -16.94 -13.89
N LEU A 196 -2.83 -16.30 -13.98
CA LEU A 196 -2.12 -15.86 -12.78
C LEU A 196 -2.93 -14.87 -11.95
N ALA A 197 -3.59 -13.91 -12.60
CA ALA A 197 -4.45 -12.95 -11.90
C ALA A 197 -5.59 -13.67 -11.16
N ARG A 198 -6.16 -14.70 -11.80
CA ARG A 198 -7.21 -15.53 -11.21
C ARG A 198 -6.70 -16.31 -9.99
N ILE A 199 -5.52 -16.89 -10.13
CA ILE A 199 -4.85 -17.59 -9.03
C ILE A 199 -4.54 -16.63 -7.86
N LEU A 200 -4.10 -15.42 -8.18
CA LEU A 200 -3.82 -14.44 -7.13
C LEU A 200 -5.10 -14.02 -6.42
N LEU A 201 -6.20 -13.87 -7.16
CA LEU A 201 -7.50 -13.57 -6.53
C LEU A 201 -7.87 -14.64 -5.51
N ALA A 202 -7.75 -15.91 -5.89
CA ALA A 202 -8.04 -17.01 -4.97
C ALA A 202 -7.15 -16.94 -3.72
N SER A 203 -5.88 -16.59 -3.90
CA SER A 203 -4.94 -16.50 -2.76
C SER A 203 -5.20 -15.31 -1.83
N ARG A 204 -5.86 -14.27 -2.34
CA ARG A 204 -6.17 -13.07 -1.56
CA ARG A 204 -6.17 -13.08 -1.57
C ARG A 204 -7.56 -13.13 -0.92
N THR A 205 -8.48 -13.88 -1.53
CA THR A 205 -9.89 -13.79 -1.10
C THR A 205 -10.61 -15.08 -0.69
N ASP A 206 -10.10 -16.24 -1.08
CA ASP A 206 -10.84 -17.48 -0.79
C ASP A 206 -11.09 -17.62 0.72
N ARG A 207 -12.33 -17.94 1.07
CA ARG A 207 -12.74 -18.03 2.47
C ARG A 207 -12.16 -19.26 3.17
N SER A 208 -11.89 -20.30 2.39
CA SER A 208 -11.12 -21.45 2.88
C SER A 208 -9.63 -21.11 2.91
N ASP A 209 -9.04 -21.19 4.10
CA ASP A 209 -7.61 -20.94 4.26
C ASP A 209 -6.80 -22.02 3.54
N LYS A 210 -7.33 -23.24 3.53
CA LYS A 210 -6.71 -24.37 2.82
C LYS A 210 -6.61 -24.08 1.32
N ARG A 211 -7.69 -23.60 0.73
CA ARG A 211 -7.72 -23.27 -0.69
C ARG A 211 -6.91 -22.03 -0.99
N ARG A 212 -6.89 -21.10 -0.04
CA ARG A 212 -6.07 -19.91 -0.12
C ARG A 212 -4.57 -20.28 -0.20
N THR A 213 -4.15 -21.24 0.63
CA THR A 213 -2.75 -21.71 0.64
C THR A 213 -2.38 -22.48 -0.63
N ALA A 214 -3.29 -23.33 -1.11
CA ALA A 214 -3.10 -24.07 -2.36
C ALA A 214 -2.94 -23.15 -3.57
N ALA A 215 -3.67 -22.04 -3.57
CA ALA A 215 -3.57 -21.03 -4.64
C ALA A 215 -2.23 -20.29 -4.54
N GLY A 216 -1.85 -19.91 -3.32
CA GLY A 216 -0.57 -19.27 -3.06
C GLY A 216 0.58 -20.16 -3.48
N ASN A 217 0.51 -21.44 -3.12
CA ASN A 217 1.52 -22.41 -3.50
C ASN A 217 1.65 -22.54 -5.01
N LYS A 218 0.51 -22.62 -5.69
CA LYS A 218 0.47 -22.70 -7.15
C LYS A 218 1.12 -21.46 -7.80
N PHE A 219 0.82 -20.28 -7.26
CA PHE A 219 1.49 -19.07 -7.74
C PHE A 219 3.02 -19.12 -7.51
N MET A 220 3.43 -19.43 -6.28
CA MET A 220 4.84 -19.39 -5.91
C MET A 220 5.66 -20.40 -6.71
N THR A 221 5.09 -21.56 -7.05
CA THR A 221 5.83 -22.52 -7.86
C THR A 221 5.94 -22.08 -9.33
N TYR A 222 4.91 -21.43 -9.88
CA TYR A 222 5.00 -20.83 -11.20
C TYR A 222 6.14 -19.80 -11.19
N MET A 223 6.12 -18.91 -10.20
CA MET A 223 7.11 -17.85 -10.07
C MET A 223 8.54 -18.37 -9.87
N LYS A 224 8.71 -19.41 -9.04
CA LYS A 224 10.03 -20.03 -8.88
C LYS A 224 10.57 -20.53 -10.20
N GLN A 225 9.71 -21.18 -10.98
CA GLN A 225 10.06 -21.65 -12.32
C GLN A 225 10.41 -20.48 -13.23
N HIS A 226 9.59 -19.44 -13.21
CA HIS A 226 9.79 -18.29 -14.07
C HIS A 226 11.12 -17.57 -13.74
N VAL A 227 11.45 -17.51 -12.46
CA VAL A 227 12.69 -16.93 -11.99
C VAL A 227 13.88 -17.74 -12.54
N ALA A 228 13.83 -19.07 -12.40
CA ALA A 228 14.91 -19.93 -12.90
C ALA A 228 15.07 -19.78 -14.41
N GLN A 229 13.96 -19.67 -15.12
CA GLN A 229 14.00 -19.48 -16.57
C GLN A 229 14.58 -18.13 -16.97
N SER A 230 14.34 -17.10 -16.17
CA SER A 230 14.55 -15.72 -16.60
C SER A 230 15.82 -15.05 -16.07
N ARG A 231 16.31 -15.52 -14.91
CA ARG A 231 17.42 -14.85 -14.20
C ARG A 231 18.77 -14.89 -14.93
N ARG A 232 18.96 -15.82 -15.85
CA ARG A 232 20.21 -15.85 -16.61
C ARG A 232 19.96 -15.53 -18.09
N GLY A 233 18.72 -15.13 -18.38
CA GLY A 233 18.34 -14.77 -19.74
C GLY A 233 18.62 -13.32 -20.09
N SER A 234 18.20 -12.94 -21.28
CA SER A 234 18.51 -11.63 -21.85
C SER A 234 17.33 -10.66 -21.84
N GLY A 235 16.34 -10.89 -21.00
CA GLY A 235 15.15 -10.03 -20.97
C GLY A 235 15.35 -8.74 -20.19
N ASP A 236 14.50 -7.75 -20.49
CA ASP A 236 14.43 -6.48 -19.72
C ASP A 236 13.48 -6.55 -18.52
N ASP A 237 12.98 -7.73 -18.24
CA ASP A 237 12.20 -7.93 -17.05
C ASP A 237 13.07 -7.71 -15.80
N LEU A 238 12.42 -7.65 -14.65
CA LEU A 238 13.13 -7.55 -13.37
C LEU A 238 14.22 -8.64 -13.20
N PHE A 239 13.88 -9.87 -13.58
CA PHE A 239 14.76 -11.01 -13.30
C PHE A 239 16.04 -10.95 -14.10
N GLY A 240 15.91 -10.60 -15.37
CA GLY A 240 17.06 -10.43 -16.25
C GLY A 240 17.98 -9.33 -15.74
N ILE A 241 17.39 -8.18 -15.38
CA ILE A 241 18.18 -7.04 -14.90
C ILE A 241 18.93 -7.43 -13.63
N VAL A 242 18.19 -7.84 -12.60
CA VAL A 242 18.80 -8.12 -11.32
C VAL A 242 19.74 -9.33 -11.41
N GLY A 243 19.33 -10.35 -12.16
CA GLY A 243 20.14 -11.57 -12.34
C GLY A 243 21.43 -11.39 -13.09
N ARG A 244 21.39 -10.69 -14.22
CA ARG A 244 22.61 -10.38 -14.98
C ARG A 244 23.59 -9.53 -14.18
N GLU A 245 23.05 -8.61 -13.39
CA GLU A 245 23.89 -7.68 -12.63
C GLU A 245 24.49 -8.36 -11.42
N ASN A 246 23.72 -9.23 -10.76
CA ASN A 246 24.13 -9.76 -9.47
C ASN A 246 24.63 -11.19 -9.42
N GLY A 247 24.32 -11.98 -10.44
CA GLY A 247 24.72 -13.38 -10.48
C GLY A 247 24.24 -14.12 -9.24
N ASP A 248 25.10 -14.95 -8.66
CA ASP A 248 24.74 -15.79 -7.52
C ASP A 248 24.61 -15.02 -6.19
N ALA A 249 24.87 -13.71 -6.19
CA ALA A 249 24.72 -12.93 -4.97
C ALA A 249 23.26 -12.76 -4.54
N ILE A 250 22.33 -12.90 -5.49
CA ILE A 250 20.91 -12.94 -5.14
C ILE A 250 20.34 -14.36 -5.36
N THR A 251 19.69 -14.91 -4.33
CA THR A 251 19.12 -16.27 -4.44
C THR A 251 17.84 -16.29 -5.24
N ASP A 252 17.50 -17.45 -5.79
CA ASP A 252 16.22 -17.65 -6.45
C ASP A 252 15.07 -17.30 -5.51
N ALA A 253 15.21 -17.69 -4.25
CA ALA A 253 14.17 -17.44 -3.25
C ALA A 253 13.95 -15.92 -3.06
N GLU A 254 15.04 -15.17 -2.95
CA GLU A 254 14.96 -13.72 -2.82
C GLU A 254 14.28 -13.09 -4.03
N LEU A 255 14.71 -13.47 -5.23
CA LEU A 255 14.10 -12.94 -6.46
C LEU A 255 12.64 -13.27 -6.56
N THR A 256 12.31 -14.51 -6.18
CA THR A 256 10.93 -14.98 -6.17
C THR A 256 10.07 -14.14 -5.21
N GLY A 257 10.61 -13.85 -4.03
CA GLY A 257 9.91 -12.99 -3.07
C GLY A 257 9.64 -11.59 -3.62
N VAL A 258 10.65 -10.96 -4.19
CA VAL A 258 10.46 -9.63 -4.79
C VAL A 258 9.39 -9.66 -5.88
N ALA A 259 9.50 -10.63 -6.79
CA ALA A 259 8.54 -10.77 -7.88
C ALA A 259 7.13 -10.99 -7.38
N ALA A 260 6.98 -11.86 -6.38
CA ALA A 260 5.66 -12.14 -5.80
C ALA A 260 5.05 -10.91 -5.14
N PHE A 261 5.88 -10.14 -4.44
CA PHE A 261 5.41 -8.92 -3.84
C PHE A 261 4.85 -7.96 -4.91
N VAL A 262 5.60 -7.78 -5.99
CA VAL A 262 5.23 -6.90 -7.10
C VAL A 262 3.88 -7.30 -7.72
N MET A 263 3.70 -8.60 -7.96
CA MET A 263 2.48 -9.08 -8.59
C MET A 263 1.32 -9.32 -7.63
N GLY A 264 1.63 -9.44 -6.34
CA GLY A 264 0.60 -9.70 -5.35
C GLY A 264 0.22 -8.42 -4.62
N ALA A 265 0.92 -8.13 -3.53
CA ALA A 265 0.56 -7.00 -2.68
C ALA A 265 0.62 -5.66 -3.43
N ALA A 266 1.67 -5.45 -4.22
CA ALA A 266 1.88 -4.17 -4.88
C ALA A 266 0.87 -3.92 -6.00
N ALA A 267 0.54 -4.95 -6.77
CA ALA A 267 -0.51 -4.82 -7.79
C ALA A 267 -1.86 -4.43 -7.18
N ASP A 268 -2.20 -5.05 -6.05
CA ASP A 268 -3.39 -4.69 -5.29
C ASP A 268 -3.31 -3.22 -4.85
N GLN A 269 -2.15 -2.80 -4.34
CA GLN A 269 -2.01 -1.40 -3.91
CA GLN A 269 -1.97 -1.40 -3.90
C GLN A 269 -2.22 -0.41 -5.05
N VAL A 270 -1.72 -0.74 -6.24
CA VAL A 270 -1.90 0.19 -7.35
CA VAL A 270 -1.87 0.08 -7.45
C VAL A 270 -3.32 0.16 -7.91
N ALA A 271 -3.97 -1.01 -7.96
CA ALA A 271 -5.38 -1.08 -8.39
C ALA A 271 -6.25 -0.24 -7.46
N ARG A 272 -6.01 -0.35 -6.15
CA ARG A 272 -6.75 0.43 -5.16
C ARG A 272 -6.50 1.94 -5.33
N LEU A 273 -5.26 2.32 -5.60
CA LEU A 273 -4.90 3.74 -5.80
C LEU A 273 -5.61 4.34 -7.03
N LEU A 274 -5.58 3.60 -8.14
CA LEU A 274 -6.22 4.00 -9.38
C LEU A 274 -7.73 4.12 -9.24
N ALA A 275 -8.35 3.19 -8.50
CA ALA A 275 -9.79 3.25 -8.25
C ALA A 275 -10.15 4.45 -7.37
N ALA A 276 -9.34 4.70 -6.35
CA ALA A 276 -9.54 5.87 -5.48
C ALA A 276 -9.37 7.16 -6.29
N GLY A 277 -8.45 7.14 -7.24
CA GLY A 277 -8.21 8.28 -8.14
C GLY A 277 -9.38 8.60 -9.03
N ALA A 278 -9.95 7.56 -9.65
CA ALA A 278 -11.14 7.70 -10.50
C ALA A 278 -12.34 8.21 -9.71
N TRP A 279 -12.47 7.75 -8.48
CA TRP A 279 -13.51 8.21 -7.57
C TRP A 279 -13.36 9.72 -7.27
N LEU A 280 -12.16 10.14 -6.86
CA LEU A 280 -11.88 11.55 -6.63
C LEU A 280 -12.20 12.41 -7.87
N MET A 281 -11.88 11.91 -9.06
CA MET A 281 -12.17 12.62 -10.31
CA MET A 281 -12.16 12.61 -10.32
C MET A 281 -13.65 12.92 -10.50
N VAL A 282 -14.51 11.94 -10.19
CA VAL A 282 -15.96 12.16 -10.30
C VAL A 282 -16.53 13.00 -9.14
N GLU A 283 -15.81 13.09 -8.02
CA GLU A 283 -16.24 13.92 -6.90
C GLU A 283 -15.74 15.37 -7.03
N GLN A 284 -14.65 15.55 -7.78
CA GLN A 284 -14.02 16.86 -7.98
C GLN A 284 -13.78 17.12 -9.48
N PRO A 285 -14.85 17.11 -10.30
CA PRO A 285 -14.65 17.22 -11.76
C PRO A 285 -14.11 18.57 -12.24
N ALA A 286 -14.47 19.67 -11.58
CA ALA A 286 -13.96 20.98 -12.00
C ALA A 286 -12.45 21.07 -11.81
N GLN A 287 -11.95 20.54 -10.69
CA GLN A 287 -10.52 20.51 -10.45
C GLN A 287 -9.78 19.66 -11.48
N PHE A 288 -10.29 18.46 -11.76
CA PHE A 288 -9.68 17.62 -12.79
C PHE A 288 -9.86 18.11 -14.23
N ALA A 289 -10.89 18.94 -14.47
CA ALA A 289 -11.00 19.69 -15.73
C ALA A 289 -9.82 20.65 -15.95
N LEU A 290 -9.32 21.20 -14.86
CA LEU A 290 -8.13 22.07 -14.87
C LEU A 290 -6.92 21.24 -15.33
N LEU A 291 -6.80 20.01 -14.83
CA LEU A 291 -5.71 19.10 -15.24
C LEU A 291 -5.78 18.73 -16.71
N ARG A 292 -6.97 18.37 -17.20
CA ARG A 292 -7.16 17.97 -18.60
CA ARG A 292 -7.11 17.96 -18.60
C ARG A 292 -6.82 19.09 -19.58
N GLU A 293 -7.33 20.29 -19.28
CA GLU A 293 -7.28 21.40 -20.23
C GLU A 293 -6.08 22.35 -20.07
N LYS A 294 -5.56 22.47 -18.85
CA LYS A 294 -4.37 23.30 -18.58
C LYS A 294 -3.40 22.62 -17.62
N PRO A 295 -2.84 21.45 -18.02
CA PRO A 295 -1.98 20.69 -17.10
C PRO A 295 -0.76 21.47 -16.59
N GLU A 296 -0.21 22.32 -17.44
CA GLU A 296 0.94 23.16 -17.08
C GLU A 296 0.70 24.10 -15.90
N THR A 297 -0.56 24.42 -15.62
CA THR A 297 -0.90 25.34 -14.53
C THR A 297 -1.05 24.64 -13.18
N VAL A 298 -1.08 23.31 -13.19
CA VAL A 298 -1.23 22.53 -11.96
C VAL A 298 -0.12 21.49 -11.77
N PRO A 299 1.15 21.95 -11.65
CA PRO A 299 2.28 21.04 -11.71
C PRO A 299 2.37 20.11 -10.49
N GLU A 300 1.75 20.48 -9.39
CA GLU A 300 1.79 19.69 -8.17
C GLU A 300 0.56 18.82 -7.98
N TRP A 301 -0.24 18.65 -9.03
CA TRP A 301 -1.48 17.88 -8.92
C TRP A 301 -1.27 16.49 -8.32
N LEU A 302 -0.17 15.85 -8.71
CA LEU A 302 0.03 14.46 -8.32
C LEU A 302 0.37 14.33 -6.84
N ASP A 303 1.29 15.18 -6.37
CA ASP A 303 1.65 15.23 -4.96
C ASP A 303 0.45 15.53 -4.06
N GLU A 304 -0.37 16.49 -4.47
CA GLU A 304 -1.58 16.83 -3.72
C GLU A 304 -2.58 15.67 -3.73
N THR A 305 -2.70 14.97 -4.86
CA THR A 305 -3.59 13.82 -4.92
C THR A 305 -3.12 12.71 -3.98
N MET A 306 -1.81 12.42 -3.99
CA MET A 306 -1.25 11.41 -3.11
C MET A 306 -1.50 11.78 -1.65
N ARG A 307 -1.25 13.05 -1.29
CA ARG A 307 -1.44 13.53 0.08
C ARG A 307 -2.89 13.36 0.51
N TYR A 308 -3.81 13.84 -0.33
CA TYR A 308 -5.23 13.78 0.01
C TYR A 308 -5.71 12.33 0.13
N LEU A 309 -5.36 11.50 -0.85
CA LEU A 309 -5.85 10.11 -0.88
C LEU A 309 -5.20 9.21 0.19
N THR A 310 -3.88 9.36 0.38
CA THR A 310 -3.11 8.49 1.29
C THR A 310 -3.68 7.06 1.29
N THR A 311 -3.54 6.38 0.15
CA THR A 311 -4.19 5.06 0.00
C THR A 311 -3.48 3.92 0.79
N ASP A 312 -2.26 4.16 1.26
CA ASP A 312 -1.64 3.31 2.27
C ASP A 312 -1.61 4.08 3.61
N GLU A 313 -2.63 3.88 4.44
CA GLU A 313 -2.87 4.74 5.60
C GLU A 313 -1.83 4.65 6.71
N LYS A 314 -1.20 3.48 6.84
CA LYS A 314 -0.30 3.22 7.96
C LYS A 314 0.87 2.32 7.55
N THR A 315 1.98 2.44 8.28
CA THR A 315 3.17 1.62 8.05
C THR A 315 3.11 0.37 8.90
N HIS A 316 3.95 -0.62 8.58
CA HIS A 316 4.14 -1.79 9.42
C HIS A 316 4.72 -1.34 10.76
N PRO A 317 4.28 -1.96 11.87
CA PRO A 317 4.80 -1.60 13.18
C PRO A 317 6.31 -1.79 13.25
N ARG A 318 7.00 -0.82 13.85
CA ARG A 318 8.43 -0.94 14.13
C ARG A 318 8.64 -1.25 15.62
N VAL A 319 9.67 -2.03 15.93
CA VAL A 319 9.95 -2.40 17.33
C VAL A 319 11.20 -1.67 17.82
N ALA A 320 11.09 -1.01 18.97
CA ALA A 320 12.25 -0.30 19.53
C ALA A 320 13.27 -1.31 20.07
N THR A 321 14.53 -1.12 19.69
CA THR A 321 15.61 -2.03 20.08
C THR A 321 16.31 -1.55 21.36
N GLN A 322 15.99 -0.33 21.78
CA GLN A 322 16.42 0.24 23.06
C GLN A 322 15.46 1.39 23.39
N ASP A 323 15.47 1.85 24.65
CA ASP A 323 14.66 3.01 25.03
C ASP A 323 15.04 4.17 24.13
N VAL A 324 14.03 4.91 23.67
CA VAL A 324 14.24 6.04 22.76
C VAL A 324 13.15 7.10 22.96
N ARG A 325 13.57 8.36 23.00
CA ARG A 325 12.64 9.48 23.10
C ARG A 325 11.97 9.74 21.75
N ILE A 326 10.64 9.69 21.73
CA ILE A 326 9.88 10.10 20.55
C ILE A 326 8.92 11.21 20.97
N GLY A 327 9.13 12.41 20.41
CA GLY A 327 8.43 13.60 20.88
C GLY A 327 8.63 13.78 22.37
N ASN A 328 7.53 13.89 23.10
CA ASN A 328 7.55 13.99 24.57
C ASN A 328 7.86 12.66 25.24
N GLN A 329 7.46 11.58 24.59
CA GLN A 329 7.31 10.27 25.22
C GLN A 329 8.57 9.43 25.23
N LEU A 330 8.62 8.50 26.18
CA LEU A 330 9.68 7.49 26.21
C LEU A 330 9.13 6.16 25.66
N VAL A 331 9.63 5.77 24.48
CA VAL A 331 9.31 4.46 23.91
C VAL A 331 10.32 3.47 24.50
N LYS A 332 9.83 2.48 25.24
CA LYS A 332 10.71 1.51 25.89
C LYS A 332 11.13 0.40 24.92
N ALA A 333 12.33 -0.15 25.13
CA ALA A 333 12.83 -1.28 24.35
C ALA A 333 11.77 -2.38 24.30
N GLY A 334 11.45 -2.83 23.09
CA GLY A 334 10.45 -3.88 22.92
C GLY A 334 9.04 -3.36 22.62
N ASP A 335 8.79 -2.08 22.87
CA ASP A 335 7.53 -1.46 22.46
C ASP A 335 7.47 -1.38 20.94
N THR A 336 6.25 -1.29 20.39
CA THR A 336 6.08 -1.06 18.97
C THR A 336 5.47 0.32 18.69
N VAL A 337 5.85 0.88 17.54
CA VAL A 337 5.25 2.11 17.05
C VAL A 337 4.73 1.89 15.62
N THR A 338 3.45 2.21 15.42
CA THR A 338 2.82 2.17 14.12
C THR A 338 2.61 3.61 13.67
N CYS A 339 2.97 3.92 12.43
CA CYS A 339 2.88 5.28 11.95
C CYS A 339 1.65 5.49 11.07
N SER A 340 0.91 6.55 11.41
CA SER A 340 -0.27 6.93 10.65
C SER A 340 0.12 7.94 9.56
N LEU A 341 0.40 7.41 8.38
CA LEU A 341 0.63 8.22 7.19
C LEU A 341 -0.60 9.07 6.88
N LEU A 342 -1.78 8.52 7.14
CA LEU A 342 -3.02 9.25 6.96
C LEU A 342 -3.07 10.50 7.85
N ALA A 343 -2.78 10.33 9.14
CA ALA A 343 -2.75 11.48 10.06
C ALA A 343 -1.65 12.48 9.69
N ALA A 344 -0.51 11.96 9.22
CA ALA A 344 0.63 12.79 8.83
C ALA A 344 0.29 13.65 7.62
N ASN A 345 -0.51 13.11 6.70
CA ASN A 345 -0.83 13.80 5.43
C ASN A 345 -2.05 14.69 5.49
N ARG A 346 -2.89 14.47 6.51
CA ARG A 346 -4.09 15.25 6.72
C ARG A 346 -4.09 15.91 8.11
N PRO A 347 -2.97 16.59 8.47
CA PRO A 347 -2.88 17.15 9.85
C PRO A 347 -3.97 18.16 10.18
N ASN A 348 -4.48 18.86 9.17
CA ASN A 348 -5.44 19.94 9.42
C ASN A 348 -6.89 19.53 9.12
N TYR A 349 -7.14 18.23 9.01
CA TYR A 349 -8.51 17.75 8.85
C TYR A 349 -9.31 18.01 10.13
N PRO A 350 -10.52 18.60 10.02
CA PRO A 350 -11.14 19.21 8.85
C PRO A 350 -10.82 20.71 8.80
N SER A 351 -10.73 21.26 7.59
CA SER A 351 -10.49 22.70 7.42
C SER A 351 -10.45 22.99 5.93
N ALA A 352 -10.55 24.26 5.59
CA ALA A 352 -10.43 24.67 4.19
C ALA A 352 -9.09 24.24 3.60
N GLU A 353 -8.00 24.39 4.35
CA GLU A 353 -6.68 24.06 3.83
C GLU A 353 -6.46 22.56 3.59
N ASP A 354 -7.14 21.70 4.35
CA ASP A 354 -7.02 20.24 4.18
C ASP A 354 -7.78 19.71 2.96
N GLU A 355 -8.83 20.41 2.53
CA GLU A 355 -9.60 19.98 1.36
CA GLU A 355 -9.61 20.01 1.35
C GLU A 355 -8.69 19.80 0.15
N PHE A 356 -9.02 18.81 -0.68
CA PHE A 356 -8.28 18.60 -1.92
C PHE A 356 -8.17 19.89 -2.71
N ASP A 357 -6.94 20.27 -3.06
CA ASP A 357 -6.72 21.47 -3.87
C ASP A 357 -5.59 21.25 -4.86
N ILE A 358 -6.00 20.99 -6.10
CA ILE A 358 -5.11 20.63 -7.18
C ILE A 358 -4.07 21.71 -7.51
N THR A 359 -4.33 22.95 -7.09
CA THR A 359 -3.47 24.09 -7.41
C THR A 359 -2.43 24.39 -6.33
N ARG A 360 -2.46 23.61 -5.25
CA ARG A 360 -1.55 23.81 -4.11
C ARG A 360 -0.07 23.70 -4.52
N GLU A 361 0.78 24.42 -3.80
CA GLU A 361 2.23 24.26 -3.94
C GLU A 361 2.80 23.31 -2.88
N LYS A 362 4.12 23.10 -2.90
CA LYS A 362 4.90 22.54 -1.79
C LYS A 362 4.60 21.08 -1.35
N ALA A 363 3.51 20.49 -1.82
CA ALA A 363 3.31 19.03 -1.78
C ALA A 363 2.87 18.32 -0.48
N GLU A 364 3.58 18.54 0.63
CA GLU A 364 3.70 17.58 1.79
C GLU A 364 4.82 16.60 1.36
N HIS A 365 4.69 15.26 1.38
CA HIS A 365 3.74 14.38 2.08
C HIS A 365 4.47 13.06 2.34
N LEU A 366 3.81 12.12 3.00
CA LEU A 366 4.43 10.86 3.41
C LEU A 366 3.69 9.61 2.91
N ALA A 367 2.97 9.73 1.80
CA ALA A 367 2.16 8.61 1.27
C ALA A 367 3.00 7.39 0.90
N PHE A 368 4.29 7.59 0.64
CA PHE A 368 5.21 6.49 0.29
C PHE A 368 6.21 6.19 1.39
N GLY A 369 5.87 6.60 2.61
CA GLY A 369 6.69 6.34 3.79
C GLY A 369 7.91 7.23 3.92
N HIS A 370 8.87 6.76 4.71
CA HIS A 370 10.03 7.54 5.11
C HIS A 370 11.09 6.59 5.67
N GLY A 371 12.35 6.98 5.58
CA GLY A 371 13.45 6.16 6.07
C GLY A 371 13.83 5.06 5.10
N ILE A 372 14.61 4.10 5.57
CA ILE A 372 15.21 3.06 4.70
C ILE A 372 14.17 2.17 4.00
N HIS A 373 12.99 2.04 4.61
CA HIS A 373 11.92 1.20 4.08
C HIS A 373 10.94 1.93 3.14
N HIS A 374 11.22 3.20 2.81
CA HIS A 374 10.32 3.98 1.97
C HIS A 374 10.09 3.29 0.64
N CYS A 375 8.88 3.46 0.09
CA CYS A 375 8.43 2.71 -1.08
C CYS A 375 9.47 2.56 -2.19
N LEU A 376 9.87 1.32 -2.43
CA LEU A 376 10.73 0.97 -3.54
C LEU A 376 10.03 1.21 -4.89
N GLY A 377 8.71 1.11 -4.89
CA GLY A 377 7.95 1.23 -6.14
C GLY A 377 7.34 2.60 -6.39
N ARG A 378 7.84 3.62 -5.68
CA ARG A 378 7.27 4.97 -5.79
C ARG A 378 7.24 5.47 -7.23
N ALA A 379 8.38 5.36 -7.91
CA ALA A 379 8.48 5.80 -9.30
C ALA A 379 7.52 5.04 -10.22
N MET A 380 7.35 3.74 -9.98
CA MET A 380 6.44 2.92 -10.77
C MET A 380 4.99 3.30 -10.49
N ALA A 381 4.65 3.44 -9.22
CA ALA A 381 3.30 3.83 -8.80
C ALA A 381 2.92 5.20 -9.38
N GLU A 382 3.85 6.15 -9.26
CA GLU A 382 3.64 7.49 -9.80
C GLU A 382 3.52 7.50 -11.32
N LEU A 383 4.34 6.69 -12.00
CA LEU A 383 4.23 6.53 -13.44
C LEU A 383 2.80 6.10 -13.80
N MET A 384 2.33 5.03 -13.15
CA MET A 384 0.98 4.52 -13.37
C MET A 384 -0.09 5.59 -13.20
N PHE A 385 -0.05 6.28 -12.07
CA PHE A 385 -1.02 7.33 -11.77
C PHE A 385 -0.94 8.50 -12.77
N LYS A 386 0.29 8.95 -13.07
CA LYS A 386 0.46 10.13 -13.91
C LYS A 386 0.08 9.87 -15.36
N VAL A 387 0.11 8.61 -15.79
CA VAL A 387 -0.37 8.26 -17.12
C VAL A 387 -1.89 8.07 -17.07
N SER A 388 -2.36 7.34 -16.07
CA SER A 388 -3.74 6.85 -16.05
C SER A 388 -4.79 7.94 -15.85
N ILE A 389 -4.54 8.84 -14.91
CA ILE A 389 -5.54 9.80 -14.47
C ILE A 389 -5.79 10.87 -15.54
N PRO A 390 -4.71 11.53 -16.04
CA PRO A 390 -4.90 12.45 -17.17
C PRO A 390 -5.54 11.78 -18.39
N ALA A 391 -5.16 10.53 -18.68
CA ALA A 391 -5.72 9.85 -19.84
C ALA A 391 -7.21 9.60 -19.65
N LEU A 392 -7.60 9.21 -18.43
CA LEU A 392 -9.01 9.06 -18.09
C LEU A 392 -9.78 10.38 -18.29
N ALA A 393 -9.21 11.48 -17.79
CA ALA A 393 -9.85 12.80 -17.91
C ALA A 393 -10.12 13.22 -19.35
N HIS A 394 -9.13 13.02 -20.22
CA HIS A 394 -9.25 13.35 -21.64
C HIS A 394 -10.27 12.46 -22.34
N ARG A 395 -10.28 11.18 -21.96
CA ARG A 395 -11.16 10.21 -22.60
C ARG A 395 -12.62 10.44 -22.21
N PHE A 396 -12.87 10.63 -20.92
CA PHE A 396 -14.23 10.83 -20.42
C PHE A 396 -14.37 12.13 -19.60
N PRO A 397 -14.39 13.31 -20.27
CA PRO A 397 -14.63 14.57 -19.55
C PRO A 397 -15.95 14.59 -18.76
N THR A 398 -16.91 13.76 -19.17
CA THR A 398 -18.24 13.76 -18.55
C THR A 398 -18.41 12.61 -17.54
N LEU A 399 -17.29 12.02 -17.12
CA LEU A 399 -17.32 10.91 -16.18
C LEU A 399 -18.06 11.27 -14.90
N ARG A 400 -18.94 10.38 -14.45
CA ARG A 400 -19.79 10.63 -13.29
C ARG A 400 -20.17 9.32 -12.62
N LEU A 401 -20.64 9.40 -11.38
CA LEU A 401 -21.22 8.24 -10.72
C LEU A 401 -22.47 7.82 -11.47
N ALA A 402 -22.61 6.50 -11.71
CA ALA A 402 -23.81 5.98 -12.36
C ALA A 402 -25.04 6.27 -11.49
N ASP A 403 -24.86 6.15 -10.18
CA ASP A 403 -25.91 6.48 -9.21
C ASP A 403 -25.36 7.39 -8.10
N PRO A 404 -25.52 8.72 -8.24
CA PRO A 404 -25.00 9.70 -7.28
C PRO A 404 -25.56 9.57 -5.84
N GLN A 405 -26.68 8.86 -5.68
CA GLN A 405 -27.28 8.68 -4.36
C GLN A 405 -26.68 7.53 -3.57
N ARG A 406 -25.94 6.66 -4.23
CA ARG A 406 -25.42 5.44 -3.62
C ARG A 406 -23.99 5.66 -3.13
N GLU A 407 -23.76 5.46 -1.84
CA GLU A 407 -22.43 5.62 -1.25
C GLU A 407 -21.51 4.54 -1.83
N ILE A 408 -20.23 4.88 -1.94
CA ILE A 408 -19.19 3.94 -2.32
C ILE A 408 -18.93 3.05 -1.10
N THR A 409 -18.87 1.75 -1.32
CA THR A 409 -18.59 0.77 -0.26
C THR A 409 -17.09 0.57 -0.12
N LEU A 410 -16.60 0.83 1.10
CA LEU A 410 -15.19 0.68 1.39
C LEU A 410 -14.99 -0.56 2.24
N GLY A 411 -13.99 -1.36 1.87
CA GLY A 411 -13.66 -2.53 2.66
C GLY A 411 -12.63 -2.16 3.72
N PRO A 412 -12.05 -3.18 4.36
CA PRO A 412 -10.99 -2.98 5.35
C PRO A 412 -9.80 -2.23 4.75
N PRO A 413 -9.07 -1.44 5.57
CA PRO A 413 -7.87 -0.79 5.04
C PRO A 413 -6.88 -1.80 4.47
N PRO A 414 -6.00 -1.37 3.54
CA PRO A 414 -5.87 0.03 3.08
C PRO A 414 -6.94 0.46 2.05
N PHE A 415 -7.22 1.77 2.01
CA PHE A 415 -8.22 2.40 1.14
CA PHE A 415 -8.23 2.38 1.15
C PHE A 415 -8.73 1.43 0.06
N ASP A 416 -9.91 0.85 0.31
CA ASP A 416 -10.42 -0.25 -0.48
C ASP A 416 -11.79 0.05 -1.10
N VAL A 417 -11.79 0.73 -2.24
CA VAL A 417 -13.02 0.89 -3.02
C VAL A 417 -13.45 -0.50 -3.56
N GLU A 418 -14.59 -1.00 -3.12
CA GLU A 418 -15.01 -2.35 -3.50
C GLU A 418 -15.62 -2.41 -4.90
N ALA A 419 -16.30 -1.33 -5.29
CA ALA A 419 -16.93 -1.20 -6.60
C ALA A 419 -17.04 0.28 -6.90
N LEU A 420 -16.92 0.66 -8.17
CA LEU A 420 -17.08 2.03 -8.57
C LEU A 420 -17.76 2.12 -9.93
N LEU A 421 -19.09 2.21 -9.89
CA LEU A 421 -19.94 2.23 -11.08
C LEU A 421 -20.06 3.62 -11.65
N LEU A 422 -19.42 3.83 -12.80
CA LEU A 422 -19.34 5.14 -13.42
C LEU A 422 -20.00 5.13 -14.78
N ASP A 423 -20.52 6.28 -15.16
CA ASP A 423 -21.09 6.46 -16.48
C ASP A 423 -20.45 7.74 -17.06
N TRP A 424 -20.84 8.10 -18.28
CA TRP A 424 -20.28 9.28 -18.93
C TRP A 424 -21.20 9.71 -20.08
CHA HEM B . 7.13 0.05 0.83
CHB HEM B . 7.03 -1.72 -3.72
CHC HEM B . 3.11 0.91 -4.77
CHD HEM B . 3.24 2.80 -0.27
C1A HEM B . 7.41 -0.71 -0.29
C2A HEM B . 8.38 -1.79 -0.38
C3A HEM B . 8.34 -2.27 -1.63
C4A HEM B . 7.36 -1.52 -2.39
CMA HEM B . 9.20 -3.45 -2.19
CAA HEM B . 9.27 -2.28 0.77
CBA HEM B . 10.56 -1.43 0.75
CGA HEM B . 11.48 -1.77 1.90
O1A HEM B . 11.04 -2.36 2.91
O2A HEM B . 12.69 -1.45 1.82
C1B HEM B . 6.00 -1.17 -4.44
C2B HEM B . 5.68 -1.39 -5.85
C3B HEM B . 4.59 -0.66 -6.12
C4B HEM B . 4.19 0.06 -4.92
CMB HEM B . 6.46 -2.32 -6.83
CAB HEM B . 3.85 -0.51 -7.47
CBB HEM B . 3.64 -1.55 -8.28
C1C HEM B . 2.78 1.62 -3.63
C2C HEM B . 1.63 2.48 -3.47
C3C HEM B . 1.67 2.99 -2.23
C4C HEM B . 2.84 2.49 -1.56
CMC HEM B . 0.53 2.72 -4.54
CAC HEM B . 0.64 3.94 -1.59
CBC HEM B . 0.61 5.21 -2.00
C1D HEM B . 4.28 2.26 0.45
C2D HEM B . 4.62 2.61 1.81
C3D HEM B . 5.83 1.75 2.15
C4D HEM B . 6.11 0.97 0.97
CMD HEM B . 3.92 3.61 2.74
CAD HEM B . 6.59 1.73 3.49
CBD HEM B . 5.94 0.70 4.41
CGD HEM B . 6.60 0.73 5.77
O1D HEM B . 6.26 -0.13 6.61
O2D HEM B . 7.47 1.60 6.03
NA HEM B . 6.81 -0.58 -1.53
NB HEM B . 5.08 -0.28 -3.93
NC HEM B . 3.50 1.65 -2.44
ND HEM B . 5.19 1.32 0.00
FE HEM B . 5.16 0.56 -1.98
C1 EDO C . 2.90 -1.90 -2.07
O1 EDO C . 3.91 -1.24 -1.27
C2 EDO C . 2.42 -3.21 -1.45
O2 EDO C . 2.03 -3.07 -0.07
C1 EDO D . 12.83 9.10 3.07
O1 EDO D . 14.20 8.74 3.26
C2 EDO D . 12.53 9.19 1.58
O2 EDO D . 11.12 9.12 1.39
C1 EDO E . -20.85 10.70 -2.68
O1 EDO E . -19.68 9.92 -2.96
C2 EDO E . -21.96 10.33 -3.65
O2 EDO E . -22.27 8.94 -3.49
C1 EDO F . -0.46 -20.53 -13.98
O1 EDO F . 0.09 -21.80 -13.59
C2 EDO F . 0.01 -20.18 -15.38
O2 EDO F . -1.06 -20.44 -16.29
C1 EDO G . -9.96 16.32 -25.61
O1 EDO G . -8.83 15.89 -24.83
C2 EDO G . -11.13 16.63 -24.69
O2 EDO G . -11.38 15.53 -23.82
C1 EDO H . 4.02 -2.44 2.57
O1 EDO H . 5.12 -2.29 1.67
C2 EDO H . 3.03 -1.28 2.44
O2 EDO H . 3.23 -0.63 1.18
C1 EDO I . -20.38 3.30 -6.44
O1 EDO I . -20.63 2.29 -7.43
C2 EDO I . -21.69 3.72 -5.79
O2 EDO I . -22.17 4.93 -6.42
C1 EDO J . -8.48 -4.85 -4.64
O1 EDO J . -8.38 -5.97 -3.78
C2 EDO J . -9.93 -4.43 -4.79
O2 EDO J . -9.94 -3.28 -5.62
C1 EDO K . 14.93 11.36 11.96
O1 EDO K . 15.01 10.17 12.74
C2 EDO K . 15.19 11.09 10.48
O2 EDO K . 14.05 11.47 9.70
C1 EDO L . 8.26 8.56 -16.22
O1 EDO L . 8.45 8.60 -14.80
C2 EDO L . 8.17 9.98 -16.76
O2 EDO L . 9.02 10.11 -17.91
C1 EDO M . -2.84 -5.18 -23.45
O1 EDO M . -2.50 -3.79 -23.30
C2 EDO M . -3.21 -5.75 -22.10
O2 EDO M . -3.83 -4.72 -21.31
C1 EDO N . 21.44 7.26 16.05
O1 EDO N . 21.04 8.55 15.57
C2 EDO N . 20.56 6.89 17.23
O2 EDO N . 20.76 5.50 17.54
C1 EDO O . 17.76 -14.09 2.75
O1 EDO O . 17.47 -12.88 2.06
C2 EDO O . 16.55 -14.99 2.75
O2 EDO O . 17.06 -16.33 2.67
C1 EDO P . 9.34 -16.15 -1.11
O1 EDO P . 9.73 -15.30 -0.03
C2 EDO P . 10.56 -16.64 -1.87
O2 EDO P . 10.61 -18.07 -1.76
C1 EDO Q . -22.96 6.27 -22.45
O1 EDO Q . -22.67 5.76 -21.16
C2 EDO Q . -21.96 5.69 -23.45
O2 EDO Q . -21.74 4.31 -23.13
C1 EDO R . -6.77 -21.01 -7.99
O1 EDO R . -5.83 -22.09 -7.85
C2 EDO R . -8.19 -21.55 -7.92
O2 EDO R . -8.55 -22.06 -9.21
#